data_4JJE
#
_entry.id   4JJE
#
_cell.length_a   68.110
_cell.length_b   84.334
_cell.length_c   96.088
_cell.angle_alpha   90.00
_cell.angle_beta   90.00
_cell.angle_gamma   90.00
#
_symmetry.space_group_name_H-M   'I 2 2 2'
#
loop_
_entity.id
_entity.type
_entity.pdbx_description
1 polymer Caspase-3
2 polymer 'Caspase inhibitor'
3 water water
#
loop_
_entity_poly.entity_id
_entity_poly.type
_entity_poly.pdbx_seq_one_letter_code
_entity_poly.pdbx_strand_id
1 'polypeptide(L)'
;SGISLDNSYKMDYPEMGLCIIINNKNFHKSTGMTSRSGTDVDAANLRETFRNLKYEVRNKNDLTREEIVELMRDVSKEDH
SKRSSFVCVLLSHGEEGIIFGTNGPVDLKKITNFFRGDRCRSLTGKPKLFIIQACRGTELDCGIETDSGVDDDMACHKIP
VEADFLYAYSTAPGYYSWRNSKDGSWFIQSLCAMLKQYADKLEFMHILTRVNRKVATEFESFSFDATFHAKKQIPCIVSM
LTKELYFYHQLHHHHHH
;
A
2 'polypeptide(L)' (ACE)(1MH)D(B3L)(HLX)(1U8) B
#
loop_
_chem_comp.id
_chem_comp.type
_chem_comp.name
_chem_comp.formula
ACE non-polymer 'ACETYL GROUP' 'C2 H4 O'
#
# COMPACT_ATOMS: atom_id res chain seq x y z
N SER A 1 -17.34 27.30 -21.96
CA SER A 1 -17.33 27.59 -20.53
C SER A 1 -16.10 28.41 -20.18
N GLY A 2 -15.86 28.63 -18.90
CA GLY A 2 -14.71 29.44 -18.51
C GLY A 2 -13.42 28.67 -18.57
N ILE A 3 -12.37 29.30 -18.07
CA ILE A 3 -11.02 28.71 -18.01
C ILE A 3 -11.04 27.37 -17.30
N SER A 4 -10.37 26.36 -17.89
CA SER A 4 -10.37 25.05 -17.25
C SER A 4 -8.95 24.65 -16.93
N LEU A 5 -8.79 23.99 -15.79
CA LEU A 5 -7.48 23.48 -15.42
C LEU A 5 -7.55 21.96 -15.32
N ASP A 6 -6.42 21.30 -15.60
CA ASP A 6 -6.38 19.84 -15.66
C ASP A 6 -5.28 19.28 -14.75
N ASN A 7 -5.18 19.82 -13.55
CA ASN A 7 -4.09 19.49 -12.65
C ASN A 7 -4.39 18.32 -11.70
N SER A 8 -5.64 17.85 -11.67
CA SER A 8 -6.06 16.81 -10.72
CA SER A 8 -5.96 16.74 -10.75
C SER A 8 -6.72 15.65 -11.45
N TYR A 9 -6.53 14.42 -11.01
CA TYR A 9 -7.22 13.30 -11.63
C TYR A 9 -8.72 13.45 -11.48
N LYS A 10 -9.44 13.07 -12.52
CA LYS A 10 -10.90 12.99 -12.47
C LYS A 10 -11.30 11.89 -11.50
N MET A 11 -11.95 12.26 -10.39
CA MET A 11 -12.30 11.27 -9.36
C MET A 11 -13.80 11.22 -9.15
N ASP A 12 -14.55 11.65 -10.16
CA ASP A 12 -16.02 11.65 -10.12
C ASP A 12 -16.67 10.72 -11.16
N TYR A 13 -15.94 9.67 -11.52
CA TYR A 13 -16.56 8.55 -12.22
C TYR A 13 -17.63 7.95 -11.30
N PRO A 14 -18.49 7.11 -11.86
CA PRO A 14 -19.55 6.54 -11.03
C PRO A 14 -19.05 5.74 -9.85
N GLU A 15 -17.87 5.15 -9.96
CA GLU A 15 -17.30 4.38 -8.85
C GLU A 15 -15.90 4.91 -8.59
N MET A 16 -15.52 4.95 -7.33
CA MET A 16 -14.14 5.25 -7.00
C MET A 16 -13.17 4.19 -7.51
N GLY A 17 -13.58 2.92 -7.46
CA GLY A 17 -12.72 1.85 -7.91
C GLY A 17 -12.60 0.72 -6.91
N LEU A 18 -11.86 -0.32 -7.28
CA LEU A 18 -11.58 -1.41 -6.36
C LEU A 18 -10.48 -1.10 -5.38
N CYS A 19 -10.59 -1.68 -4.19
CA CYS A 19 -9.47 -1.71 -3.25
C CYS A 19 -9.29 -3.19 -2.94
N ILE A 20 -8.24 -3.80 -3.48
CA ILE A 20 -7.99 -5.22 -3.22
C ILE A 20 -7.02 -5.30 -2.08
N ILE A 21 -7.35 -6.02 -1.02
CA ILE A 21 -6.44 -6.15 0.12
C ILE A 21 -5.98 -7.59 0.24
N ILE A 22 -4.69 -7.85 0.10
CA ILE A 22 -4.20 -9.21 0.20
C ILE A 22 -3.55 -9.31 1.55
N ASN A 23 -4.15 -10.13 2.44
CA ASN A 23 -3.78 -10.17 3.84
C ASN A 23 -3.17 -11.55 4.11
N ASN A 24 -1.85 -11.65 4.07
CA ASN A 24 -1.21 -12.93 4.32
C ASN A 24 -0.71 -13.00 5.73
N LYS A 25 -1.38 -13.84 6.50
CA LYS A 25 -1.08 -14.02 7.91
C LYS A 25 -0.34 -15.30 8.20
N ASN A 26 -0.85 -16.40 7.65
CA ASN A 26 -0.38 -17.76 7.95
C ASN A 26 0.28 -18.33 6.74
N PHE A 27 1.50 -18.82 6.92
CA PHE A 27 2.31 -19.30 5.80
C PHE A 27 2.44 -20.81 5.87
N HIS A 28 2.66 -21.42 4.71
CA HIS A 28 2.80 -22.86 4.71
C HIS A 28 3.92 -23.23 5.64
N LYS A 29 3.70 -24.30 6.39
CA LYS A 29 4.56 -24.80 7.44
C LYS A 29 5.87 -25.05 6.75
N SER A 30 5.74 -25.60 5.54
CA SER A 30 6.85 -25.86 4.64
C SER A 30 7.85 -24.70 4.52
N THR A 31 7.37 -23.46 4.44
CA THR A 31 8.26 -22.30 4.22
C THR A 31 9.01 -21.79 5.48
N GLY A 32 8.55 -22.16 6.67
CA GLY A 32 9.14 -21.65 7.88
C GLY A 32 8.93 -20.16 8.15
N MET A 33 8.03 -19.52 7.43
CA MET A 33 7.75 -18.11 7.69
C MET A 33 6.78 -17.99 8.87
N THR A 34 7.01 -17.03 9.75
CA THR A 34 6.20 -16.87 10.96
C THR A 34 4.87 -16.19 10.67
N SER A 35 3.92 -16.49 11.53
CA SER A 35 2.58 -15.91 11.48
CA SER A 35 2.60 -15.90 11.41
C SER A 35 2.68 -14.42 11.72
N ARG A 36 1.99 -13.63 10.89
CA ARG A 36 2.09 -12.17 10.99
C ARG A 36 1.05 -11.58 11.96
N SER A 37 1.25 -11.83 13.24
CA SER A 37 0.38 -11.27 14.26
C SER A 37 0.18 -9.78 14.14
N GLY A 38 -1.08 -9.35 14.19
CA GLY A 38 -1.42 -7.96 14.00
C GLY A 38 -1.99 -7.67 12.63
N THR A 39 -1.70 -8.52 11.66
CA THR A 39 -2.13 -8.19 10.32
C THR A 39 -3.64 -8.14 10.15
N ASP A 40 -4.40 -8.92 10.92
CA ASP A 40 -5.88 -8.83 10.79
C ASP A 40 -6.39 -7.47 11.25
N VAL A 41 -5.71 -6.88 12.24
CA VAL A 41 -6.06 -5.51 12.67
C VAL A 41 -5.83 -4.55 11.49
N ASP A 42 -4.70 -4.66 10.79
CA ASP A 42 -4.46 -3.84 9.60
C ASP A 42 -5.53 -4.05 8.53
N ALA A 43 -5.84 -5.31 8.25
CA ALA A 43 -6.78 -5.59 7.17
C ALA A 43 -8.15 -5.01 7.50
N ALA A 44 -8.58 -5.11 8.76
CA ALA A 44 -9.87 -4.52 9.17
C ALA A 44 -9.83 -3.00 9.10
N ASN A 45 -8.70 -2.41 9.52
CA ASN A 45 -8.56 -0.96 9.51
C ASN A 45 -8.63 -0.44 8.08
N LEU A 46 -7.95 -1.11 7.17
CA LEU A 46 -7.97 -0.71 5.78
C LEU A 46 -9.36 -0.90 5.15
N ARG A 47 -10.02 -2.01 5.48
CA ARG A 47 -11.34 -2.22 4.90
C ARG A 47 -12.27 -1.07 5.30
N GLU A 48 -12.23 -0.68 6.58
CA GLU A 48 -13.09 0.40 7.04
C GLU A 48 -12.71 1.75 6.45
N THR A 49 -11.41 2.02 6.39
CA THR A 49 -10.91 3.29 5.87
C THR A 49 -11.31 3.47 4.42
N PHE A 50 -11.09 2.42 3.62
CA PHE A 50 -11.39 2.55 2.20
C PHE A 50 -12.89 2.46 1.91
N ARG A 51 -13.65 1.77 2.78
CA ARG A 51 -15.12 1.77 2.67
C ARG A 51 -15.63 3.22 2.76
N ASN A 52 -15.09 3.97 3.70
CA ASN A 52 -15.57 5.34 3.91
C ASN A 52 -15.10 6.30 2.80
N LEU A 53 -14.10 5.88 2.03
CA LEU A 53 -13.72 6.62 0.83
C LEU A 53 -14.46 6.13 -0.40
N LYS A 54 -15.39 5.19 -0.21
CA LYS A 54 -16.32 4.70 -1.25
C LYS A 54 -15.62 3.80 -2.28
N TYR A 55 -14.57 3.12 -1.84
CA TYR A 55 -14.00 2.05 -2.64
C TYR A 55 -14.75 0.75 -2.45
N GLU A 56 -14.80 -0.05 -3.50
CA GLU A 56 -15.33 -1.40 -3.40
C GLU A 56 -14.20 -2.29 -2.89
N VAL A 57 -14.22 -2.61 -1.60
CA VAL A 57 -13.13 -3.36 -0.98
C VAL A 57 -13.33 -4.84 -1.15
N ARG A 58 -12.27 -5.52 -1.60
CA ARG A 58 -12.26 -6.98 -1.59
C ARG A 58 -11.09 -7.47 -0.77
N ASN A 59 -11.38 -8.20 0.30
CA ASN A 59 -10.35 -8.73 1.16
C ASN A 59 -10.03 -10.16 0.78
N LYS A 60 -8.75 -10.49 0.66
CA LYS A 60 -8.37 -11.86 0.34
C LYS A 60 -7.34 -12.27 1.37
N ASN A 61 -7.51 -13.44 1.97
CA ASN A 61 -6.65 -13.91 3.02
C ASN A 61 -5.79 -15.12 2.63
N ASP A 62 -4.51 -15.10 3.01
CA ASP A 62 -3.63 -16.29 2.94
C ASP A 62 -3.59 -16.89 1.52
N LEU A 63 -3.17 -16.08 0.55
CA LEU A 63 -3.07 -16.50 -0.84
C LEU A 63 -1.67 -17.04 -1.14
N THR A 64 -1.62 -18.16 -1.85
CA THR A 64 -0.34 -18.65 -2.40
C THR A 64 0.19 -17.71 -3.49
N ARG A 65 1.44 -17.91 -3.90
CA ARG A 65 1.99 -17.08 -4.96
C ARG A 65 1.16 -17.25 -6.26
N GLU A 66 0.70 -18.46 -6.55
CA GLU A 66 -0.10 -18.68 -7.74
C GLU A 66 -1.44 -17.96 -7.62
N GLU A 67 -2.07 -18.02 -6.45
CA GLU A 67 -3.32 -17.28 -6.24
C GLU A 67 -3.15 -15.76 -6.33
N ILE A 68 -2.04 -15.22 -5.85
CA ILE A 68 -1.82 -13.77 -5.96
C ILE A 68 -1.74 -13.40 -7.43
N VAL A 69 -1.00 -14.15 -8.22
CA VAL A 69 -0.87 -13.83 -9.64
C VAL A 69 -2.22 -13.97 -10.36
N GLU A 70 -2.94 -15.05 -10.10
CA GLU A 70 -4.23 -15.26 -10.75
C GLU A 70 -5.20 -14.14 -10.38
N LEU A 71 -5.20 -13.75 -9.11
CA LEU A 71 -6.11 -12.68 -8.67
C LEU A 71 -5.81 -11.38 -9.40
N MET A 72 -4.54 -11.01 -9.45
CA MET A 72 -4.16 -9.75 -10.07
C MET A 72 -4.42 -9.76 -11.58
N ARG A 73 -4.15 -10.90 -12.24
CA ARG A 73 -4.45 -11.03 -13.64
C ARG A 73 -5.95 -10.85 -13.85
N ASP A 74 -6.76 -11.54 -13.04
CA ASP A 74 -8.21 -11.46 -13.23
C ASP A 74 -8.75 -10.04 -12.99
N VAL A 75 -8.26 -9.38 -11.94
CA VAL A 75 -8.71 -8.03 -11.62
C VAL A 75 -8.32 -7.09 -12.76
N SER A 76 -7.13 -7.27 -13.34
CA SER A 76 -6.65 -6.38 -14.40
C SER A 76 -7.44 -6.57 -15.68
N LYS A 77 -8.12 -7.72 -15.79
CA LYS A 77 -8.96 -7.99 -16.94
C LYS A 77 -10.43 -7.54 -16.81
N GLU A 78 -10.83 -7.08 -15.64
CA GLU A 78 -12.13 -6.47 -15.47
C GLU A 78 -12.26 -5.19 -16.25
N ASP A 79 -13.51 -4.77 -16.51
CA ASP A 79 -13.74 -3.47 -17.14
C ASP A 79 -13.81 -2.41 -16.08
N HIS A 80 -12.75 -1.59 -15.99
CA HIS A 80 -12.70 -0.52 -15.01
C HIS A 80 -13.14 0.83 -15.58
N SER A 81 -13.84 0.82 -16.72
CA SER A 81 -14.18 2.07 -17.39
CA SER A 81 -14.20 2.05 -17.40
C SER A 81 -14.97 3.05 -16.52
N LYS A 82 -15.82 2.53 -15.65
CA LYS A 82 -16.64 3.39 -14.79
C LYS A 82 -16.00 3.67 -13.44
N ARG A 83 -14.72 3.30 -13.29
CA ARG A 83 -14.01 3.46 -12.03
C ARG A 83 -12.95 4.54 -12.11
N SER A 84 -12.82 5.35 -11.05
CA SER A 84 -11.85 6.47 -11.09
C SER A 84 -10.39 6.03 -10.93
N SER A 85 -10.17 4.93 -10.21
CA SER A 85 -8.85 4.59 -9.71
C SER A 85 -8.81 3.13 -9.36
N PHE A 86 -7.62 2.67 -8.98
CA PHE A 86 -7.45 1.29 -8.51
C PHE A 86 -6.51 1.31 -7.32
N VAL A 87 -6.79 0.52 -6.29
CA VAL A 87 -5.95 0.40 -5.11
C VAL A 87 -5.71 -1.05 -4.82
N CYS A 88 -4.46 -1.39 -4.55
CA CYS A 88 -4.11 -2.71 -4.07
C CYS A 88 -3.25 -2.57 -2.85
N VAL A 89 -3.60 -3.28 -1.78
CA VAL A 89 -2.81 -3.26 -0.54
C VAL A 89 -2.27 -4.66 -0.33
N LEU A 90 -0.97 -4.76 -0.11
CA LEU A 90 -0.28 -6.04 0.08
C LEU A 90 0.28 -6.05 1.50
N LEU A 91 -0.15 -7.05 2.28
CA LEU A 91 0.30 -7.22 3.66
C LEU A 91 0.94 -8.59 3.78
N SER A 92 2.27 -8.61 3.88
CA SER A 92 2.98 -9.89 3.94
C SER A 92 4.42 -9.70 4.38
N HIS A 93 5.12 -10.83 4.46
CA HIS A 93 6.56 -10.82 4.50
C HIS A 93 7.05 -10.36 3.13
N GLY A 94 8.25 -9.77 3.09
CA GLY A 94 8.80 -9.30 1.82
C GLY A 94 10.29 -9.11 1.87
N GLU A 95 10.86 -8.81 0.69
CA GLU A 95 12.24 -8.37 0.58
C GLU A 95 12.20 -7.33 -0.50
N GLU A 96 13.32 -6.69 -0.81
CA GLU A 96 13.28 -5.66 -1.84
C GLU A 96 12.74 -6.23 -3.15
N GLY A 97 11.66 -5.61 -3.61
CA GLY A 97 11.04 -5.98 -4.86
C GLY A 97 10.16 -7.21 -4.81
N ILE A 98 9.93 -7.79 -3.62
CA ILE A 98 9.28 -9.10 -3.52
C ILE A 98 8.23 -9.08 -2.43
N ILE A 99 7.10 -9.75 -2.66
CA ILE A 99 6.08 -9.94 -1.62
C ILE A 99 5.87 -11.44 -1.52
N PHE A 100 5.65 -11.94 -0.30
CA PHE A 100 5.46 -13.38 -0.14
C PHE A 100 4.03 -13.84 -0.23
N GLY A 101 3.79 -14.79 -1.14
CA GLY A 101 2.62 -15.63 -1.02
C GLY A 101 2.84 -16.59 0.14
N THR A 102 1.81 -17.34 0.47
CA THR A 102 1.91 -18.26 1.61
C THR A 102 2.90 -19.41 1.35
N ASN A 103 3.26 -19.64 0.09
CA ASN A 103 4.16 -20.74 -0.28
C ASN A 103 5.40 -20.28 -1.04
N GLY A 104 5.70 -18.97 -1.02
CA GLY A 104 6.92 -18.49 -1.64
C GLY A 104 6.69 -17.12 -2.27
N PRO A 105 7.76 -16.54 -2.83
CA PRO A 105 7.77 -15.17 -3.33
C PRO A 105 7.09 -14.88 -4.66
N VAL A 106 6.64 -13.64 -4.81
CA VAL A 106 6.15 -13.09 -6.07
C VAL A 106 6.89 -11.79 -6.28
N ASP A 107 7.49 -11.58 -7.45
CA ASP A 107 8.02 -10.26 -7.77
C ASP A 107 6.93 -9.22 -7.83
N LEU A 108 7.12 -8.10 -7.16
CA LEU A 108 6.16 -6.99 -7.24
C LEU A 108 5.96 -6.52 -8.67
N LYS A 109 7.02 -6.53 -9.48
CA LYS A 109 6.87 -6.11 -10.87
C LYS A 109 5.91 -7.01 -11.64
N LYS A 110 5.86 -8.29 -11.31
CA LYS A 110 4.91 -9.18 -11.98
C LYS A 110 3.45 -8.78 -11.70
N ILE A 111 3.14 -8.45 -10.45
CA ILE A 111 1.83 -7.95 -10.06
C ILE A 111 1.50 -6.61 -10.72
N THR A 112 2.43 -5.65 -10.64
CA THR A 112 2.10 -4.31 -11.13
C THR A 112 2.05 -4.25 -12.65
N ASN A 113 2.80 -5.13 -13.31
CA ASN A 113 2.81 -5.14 -14.77
C ASN A 113 1.42 -5.40 -15.38
N PHE A 114 0.55 -6.12 -14.67
CA PHE A 114 -0.80 -6.36 -15.19
C PHE A 114 -1.58 -5.07 -15.40
N PHE A 115 -1.17 -4.01 -14.68
CA PHE A 115 -1.94 -2.76 -14.69
C PHE A 115 -1.24 -1.68 -15.49
N ARG A 116 -0.15 -2.03 -16.19
CA ARG A 116 0.53 -1.06 -17.07
C ARG A 116 -0.44 -0.35 -18.00
N GLY A 117 -0.09 0.88 -18.39
CA GLY A 117 -0.95 1.65 -19.29
C GLY A 117 -1.32 0.92 -20.57
N ASP A 118 -0.41 0.08 -21.08
CA ASP A 118 -0.71 -0.63 -22.30
C ASP A 118 -1.41 -1.96 -22.07
N ARG A 119 -1.49 -2.42 -20.83
CA ARG A 119 -2.03 -3.77 -20.56
C ARG A 119 -3.38 -3.78 -19.85
N CYS A 120 -3.73 -2.70 -19.15
CA CYS A 120 -5.07 -2.56 -18.55
C CYS A 120 -5.66 -1.26 -19.08
N ARG A 121 -6.28 -1.31 -20.25
CA ARG A 121 -6.63 -0.07 -20.95
C ARG A 121 -7.71 0.74 -20.27
N SER A 122 -8.58 0.08 -19.52
CA SER A 122 -9.64 0.80 -18.80
C SER A 122 -9.14 1.50 -17.53
N LEU A 123 -7.84 1.33 -17.21
CA LEU A 123 -7.18 2.16 -16.17
C LEU A 123 -6.15 3.11 -16.75
N THR A 124 -5.94 3.13 -18.07
CA THR A 124 -4.94 4.07 -18.62
C THR A 124 -5.32 5.50 -18.25
N GLY A 125 -4.35 6.28 -17.75
CA GLY A 125 -4.67 7.65 -17.37
C GLY A 125 -5.26 7.79 -15.97
N LYS A 126 -5.50 6.68 -15.28
CA LYS A 126 -6.09 6.73 -13.95
C LYS A 126 -5.09 6.31 -12.91
N PRO A 127 -5.18 6.84 -11.69
CA PRO A 127 -4.19 6.49 -10.68
C PRO A 127 -4.30 5.07 -10.18
N LYS A 128 -3.16 4.40 -10.09
CA LYS A 128 -3.05 3.02 -9.67
C LYS A 128 -2.14 3.01 -8.47
N LEU A 129 -2.75 2.74 -7.31
CA LEU A 129 -2.07 2.89 -6.02
C LEU A 129 -1.76 1.53 -5.43
N PHE A 130 -0.49 1.28 -5.12
CA PHE A 130 -0.07 0.03 -4.49
C PHE A 130 0.50 0.38 -3.12
N ILE A 131 -0.10 -0.17 -2.09
CA ILE A 131 0.26 0.16 -0.71
C ILE A 131 0.88 -1.10 -0.16
N ILE A 132 2.14 -1.04 0.26
CA ILE A 132 2.89 -2.29 0.48
C ILE A 132 3.46 -2.29 1.91
N GLN A 133 2.87 -3.15 2.75
CA GLN A 133 3.41 -3.36 4.12
C GLN A 133 4.16 -4.67 4.07
N ALA A 134 5.49 -4.58 4.02
CA ALA A 134 6.39 -5.72 3.93
C ALA A 134 7.82 -5.18 4.07
N CYS A 135 8.75 -6.03 4.50
CA CYS A 135 10.13 -5.59 4.59
C CYS A 135 10.75 -5.45 3.22
N ARG A 136 11.78 -4.62 3.14
CA ARG A 136 12.46 -4.36 1.86
C ARG A 136 13.94 -4.68 2.02
N GLY A 137 14.27 -5.52 2.98
CA GLY A 137 15.68 -5.83 3.30
C GLY A 137 15.86 -6.00 4.79
N THR A 138 17.11 -5.98 5.25
CA THR A 138 17.42 -6.28 6.64
C THR A 138 18.22 -5.18 7.33
N GLU A 139 18.20 -3.99 6.78
CA GLU A 139 18.84 -2.88 7.47
C GLU A 139 17.94 -2.39 8.62
N LEU A 140 18.61 -1.90 9.65
CA LEU A 140 17.95 -1.39 10.85
C LEU A 140 18.25 0.07 10.97
N ASP A 141 17.24 0.88 11.22
CA ASP A 141 17.43 2.34 11.37
C ASP A 141 17.53 2.60 12.87
N CYS A 142 18.72 3.01 13.34
CA CYS A 142 18.91 3.23 14.79
CA CYS A 142 18.98 3.25 14.76
C CYS A 142 18.47 4.61 15.21
N GLY A 143 18.15 5.46 14.23
CA GLY A 143 17.63 6.78 14.51
C GLY A 143 18.65 7.75 15.06
N ILE A 144 18.21 9.00 15.25
CA ILE A 144 19.07 10.02 15.87
C ILE A 144 18.22 10.88 16.77
N GLU A 145 18.78 11.28 17.92
CA GLU A 145 18.10 12.19 18.85
C GLU A 145 17.69 13.50 18.19
N THR A 146 16.52 14.00 18.58
CA THR A 146 16.02 15.27 18.09
C THR A 146 15.83 16.26 19.23
N HIS A 157 1.03 12.24 -27.66
CA HIS A 157 -0.11 11.41 -28.03
C HIS A 157 0.00 10.03 -27.36
N LYS A 158 1.16 9.75 -26.76
CA LYS A 158 1.30 8.56 -25.93
C LYS A 158 1.66 9.01 -24.54
N ILE A 159 1.38 8.17 -23.58
CA ILE A 159 1.95 8.33 -22.23
C ILE A 159 2.78 7.10 -21.92
N PRO A 160 3.71 7.22 -20.98
CA PRO A 160 4.54 6.08 -20.60
C PRO A 160 3.68 4.99 -19.95
N VAL A 161 4.04 3.74 -20.22
CA VAL A 161 3.27 2.64 -19.61
C VAL A 161 3.46 2.56 -18.09
N GLU A 162 4.51 3.20 -17.56
CA GLU A 162 4.76 3.22 -16.13
C GLU A 162 4.17 4.46 -15.46
N ALA A 163 3.58 5.36 -16.21
CA ALA A 163 2.94 6.54 -15.61
C ALA A 163 1.69 6.16 -14.84
N ASP A 164 1.35 7.01 -13.87
CA ASP A 164 0.10 6.98 -13.10
C ASP A 164 0.08 5.86 -12.08
N PHE A 165 1.24 5.40 -11.64
CA PHE A 165 1.37 4.53 -10.50
C PHE A 165 1.92 5.28 -9.31
N LEU A 166 1.44 4.91 -8.13
CA LEU A 166 1.97 5.39 -6.87
C LEU A 166 2.22 4.15 -6.03
N TYR A 167 3.42 4.04 -5.47
CA TYR A 167 3.76 2.96 -4.54
C TYR A 167 3.98 3.58 -3.19
N ALA A 168 3.09 3.28 -2.24
CA ALA A 168 3.26 3.74 -0.87
C ALA A 168 3.89 2.60 -0.08
N TYR A 169 5.22 2.64 0.03
CA TYR A 169 5.93 1.61 0.77
C TYR A 169 6.00 1.92 2.24
N SER A 170 5.92 0.88 3.07
CA SER A 170 5.97 1.09 4.49
C SER A 170 7.33 1.51 5.01
N THR A 171 8.39 1.28 4.25
CA THR A 171 9.73 1.47 4.76
C THR A 171 10.66 1.85 3.64
N ALA A 172 11.79 2.42 4.00
CA ALA A 172 12.82 2.80 3.02
C ALA A 172 13.43 1.59 2.33
N PRO A 173 13.97 1.75 1.13
CA PRO A 173 14.61 0.63 0.44
C PRO A 173 15.72 0.04 1.31
N GLY A 174 15.71 -1.30 1.41
CA GLY A 174 16.75 -1.98 2.15
C GLY A 174 16.43 -2.28 3.60
N TYR A 175 15.33 -1.72 4.13
CA TYR A 175 15.07 -1.76 5.56
C TYR A 175 13.95 -2.73 5.96
N TYR A 176 14.03 -3.20 7.21
CA TYR A 176 12.90 -3.90 7.82
C TYR A 176 11.68 -2.97 7.96
N SER A 177 10.52 -3.58 8.15
CA SER A 177 9.30 -2.87 8.41
C SER A 177 8.65 -3.52 9.62
N TRP A 178 8.17 -2.71 10.57
CA TRP A 178 7.75 -3.17 11.88
C TRP A 178 6.26 -3.34 12.05
N ARG A 179 5.84 -4.27 12.90
CA ARG A 179 4.44 -4.64 13.03
C ARG A 179 4.21 -4.95 14.48
N ASN A 180 3.10 -4.45 15.03
CA ASN A 180 2.77 -4.69 16.42
C ASN A 180 1.59 -5.66 16.48
N SER A 181 1.67 -6.64 17.38
CA SER A 181 0.67 -7.69 17.39
C SER A 181 -0.73 -7.22 17.78
N LYS A 182 -0.83 -6.14 18.55
CA LYS A 182 -2.12 -5.63 18.99
C LYS A 182 -2.70 -4.56 18.08
N ASP A 183 -1.84 -3.64 17.63
CA ASP A 183 -2.29 -2.44 16.92
C ASP A 183 -2.11 -2.54 15.42
N GLY A 184 -1.42 -3.57 14.95
CA GLY A 184 -1.06 -3.67 13.54
C GLY A 184 0.28 -3.06 13.19
N SER A 185 0.53 -3.00 11.90
CA SER A 185 1.80 -2.45 11.47
C SER A 185 1.83 -0.95 11.73
N TRP A 186 3.03 -0.41 11.98
CA TRP A 186 3.16 1.01 12.26
C TRP A 186 2.66 1.82 11.06
N PHE A 187 3.03 1.39 9.87
CA PHE A 187 2.65 2.11 8.67
C PHE A 187 1.15 2.06 8.39
N ILE A 188 0.51 0.89 8.48
CA ILE A 188 -0.91 0.82 8.17
C ILE A 188 -1.72 1.54 9.24
N GLN A 189 -1.36 1.43 10.52
CA GLN A 189 -2.05 2.21 11.56
C GLN A 189 -2.03 3.67 11.20
N SER A 190 -0.87 4.14 10.81
CA SER A 190 -0.68 5.57 10.56
C SER A 190 -1.37 6.00 9.27
N LEU A 191 -1.29 5.19 8.21
CA LEU A 191 -1.98 5.48 6.95
C LEU A 191 -3.47 5.58 7.16
N CYS A 192 -4.05 4.63 7.90
CA CYS A 192 -5.49 4.68 8.10
C CYS A 192 -5.87 5.90 8.92
N ALA A 193 -5.11 6.21 9.96
CA ALA A 193 -5.40 7.40 10.79
C ALA A 193 -5.37 8.68 9.95
N MET A 194 -4.38 8.82 9.08
CA MET A 194 -4.29 10.02 8.28
C MET A 194 -5.32 10.11 7.19
N LEU A 195 -5.68 9.00 6.57
CA LEU A 195 -6.78 9.04 5.62
C LEU A 195 -8.10 9.41 6.28
N LYS A 196 -8.37 8.85 7.46
CA LYS A 196 -9.61 9.18 8.20
C LYS A 196 -9.62 10.66 8.53
N GLN A 197 -8.50 11.24 8.91
CA GLN A 197 -8.53 12.65 9.32
C GLN A 197 -8.49 13.62 8.14
N TYR A 198 -7.84 13.23 7.04
CA TYR A 198 -7.46 14.23 6.02
C TYR A 198 -7.91 13.93 4.61
N ALA A 199 -8.57 12.80 4.33
CA ALA A 199 -8.98 12.54 2.95
C ALA A 199 -9.98 13.54 2.39
N ASP A 200 -10.76 14.18 3.26
CA ASP A 200 -11.66 15.19 2.71
C ASP A 200 -11.04 16.60 2.76
N LYS A 201 -9.71 16.69 2.94
CA LYS A 201 -9.03 17.97 3.20
C LYS A 201 -7.74 18.19 2.42
N LEU A 202 -7.00 17.13 2.15
CA LEU A 202 -5.65 17.26 1.62
C LEU A 202 -5.45 16.37 0.42
N GLU A 203 -4.55 16.83 -0.47
CA GLU A 203 -4.09 16.02 -1.60
C GLU A 203 -3.30 14.80 -1.10
N PHE A 204 -3.40 13.67 -1.82
CA PHE A 204 -2.85 12.42 -1.32
C PHE A 204 -1.36 12.48 -0.95
N MET A 205 -0.50 13.15 -1.74
CA MET A 205 0.90 13.19 -1.33
C MET A 205 1.09 13.89 -0.01
N HIS A 206 0.26 14.88 0.27
CA HIS A 206 0.33 15.55 1.55
C HIS A 206 -0.19 14.67 2.67
N ILE A 207 -1.21 13.84 2.39
CA ILE A 207 -1.62 12.85 3.38
C ILE A 207 -0.47 11.91 3.70
N LEU A 208 0.16 11.38 2.65
CA LEU A 208 1.24 10.42 2.84
C LEU A 208 2.46 11.06 3.55
N THR A 209 2.68 12.36 3.38
CA THR A 209 3.78 13.02 4.08
C THR A 209 3.46 13.07 5.59
N ARG A 210 2.20 13.31 5.96
CA ARG A 210 1.81 13.21 7.37
C ARG A 210 1.96 11.79 7.89
N VAL A 211 1.71 10.76 7.06
CA VAL A 211 1.97 9.38 7.47
C VAL A 211 3.46 9.18 7.69
N ASN A 212 4.30 9.73 6.81
CA ASN A 212 5.76 9.65 7.07
C ASN A 212 6.13 10.23 8.42
N ARG A 213 5.60 11.41 8.73
CA ARG A 213 5.95 12.05 9.97
CA ARG A 213 5.95 12.05 9.98
C ARG A 213 5.44 11.24 11.17
N LYS A 214 4.22 10.71 11.08
CA LYS A 214 3.66 9.95 12.20
C LYS A 214 4.49 8.70 12.48
N VAL A 215 4.85 7.96 11.44
CA VAL A 215 5.67 6.78 11.61
C VAL A 215 7.03 7.13 12.18
N ALA A 216 7.64 8.17 11.64
CA ALA A 216 8.99 8.56 12.02
C ALA A 216 9.07 9.03 13.45
N THR A 217 8.03 9.69 13.94
CA THR A 217 8.10 10.34 15.23
C THR A 217 7.43 9.54 16.34
N GLU A 218 6.37 8.79 16.07
CA GLU A 218 5.58 8.20 17.15
C GLU A 218 5.93 6.76 17.51
N PHE A 219 6.77 6.13 16.70
CA PHE A 219 7.04 4.71 16.91
C PHE A 219 8.50 4.43 17.09
N GLU A 220 8.77 3.49 17.97
CA GLU A 220 10.15 3.00 18.17
C GLU A 220 10.05 1.57 18.67
N SER A 221 10.88 0.68 18.14
CA SER A 221 10.73 -0.71 18.60
C SER A 221 11.18 -0.93 20.03
N PHE A 222 10.59 -1.96 20.61
CA PHE A 222 10.99 -2.44 21.94
C PHE A 222 11.26 -3.90 21.81
N SER A 223 12.49 -4.34 22.12
CA SER A 223 12.81 -5.75 21.98
C SER A 223 13.69 -6.20 23.09
N PHE A 224 13.49 -7.43 23.57
CA PHE A 224 14.46 -7.99 24.51
C PHE A 224 15.82 -8.31 23.87
N ASP A 225 15.85 -8.41 22.54
CA ASP A 225 17.10 -8.64 21.81
C ASP A 225 17.66 -7.30 21.41
N ALA A 226 18.82 -6.94 21.96
CA ALA A 226 19.41 -5.63 21.67
C ALA A 226 19.55 -5.32 20.19
N THR A 227 19.76 -6.35 19.34
CA THR A 227 19.91 -6.16 17.89
C THR A 227 18.72 -5.44 17.33
N PHE A 228 17.54 -5.70 17.91
CA PHE A 228 16.29 -5.19 17.32
C PHE A 228 15.61 -4.15 18.15
N HIS A 229 16.28 -3.68 19.18
CA HIS A 229 15.68 -2.75 20.12
C HIS A 229 15.94 -1.30 19.74
N ALA A 230 14.95 -0.44 20.03
CA ALA A 230 15.07 1.02 19.85
C ALA A 230 15.27 1.46 18.42
N LYS A 231 14.65 0.71 17.52
CA LYS A 231 14.77 1.01 16.10
C LYS A 231 13.62 1.86 15.60
N LYS A 232 13.89 2.52 14.48
CA LYS A 232 12.98 3.49 13.90
C LYS A 232 12.61 3.13 12.47
N GLN A 233 11.58 3.79 11.90
CA GLN A 233 11.18 3.49 10.52
C GLN A 233 10.76 4.76 9.84
N ILE A 234 11.05 4.88 8.55
CA ILE A 234 10.48 5.94 7.71
C ILE A 234 9.88 5.27 6.50
N PRO A 235 8.61 5.55 6.22
CA PRO A 235 8.04 5.01 4.97
C PRO A 235 8.59 5.74 3.74
N CYS A 236 8.18 5.31 2.56
CA CYS A 236 8.85 5.74 1.33
C CYS A 236 7.77 5.86 0.25
N ILE A 237 7.49 7.11 -0.15
CA ILE A 237 6.44 7.38 -1.14
C ILE A 237 7.10 7.40 -2.49
N VAL A 238 6.68 6.53 -3.40
CA VAL A 238 7.27 6.51 -4.74
C VAL A 238 6.20 6.88 -5.73
N SER A 239 6.29 8.08 -6.31
CA SER A 239 5.20 8.52 -7.17
C SER A 239 5.64 8.71 -8.59
N MET A 240 4.92 8.01 -9.46
CA MET A 240 4.95 8.23 -10.89
C MET A 240 3.63 8.81 -11.34
N LEU A 241 2.92 9.45 -10.40
CA LEU A 241 1.64 10.10 -10.79
C LEU A 241 1.90 11.32 -11.63
N THR A 242 0.91 11.68 -12.44
CA THR A 242 1.06 12.86 -13.30
C THR A 242 0.09 13.99 -12.93
N LYS A 243 -0.78 13.76 -11.93
CA LYS A 243 -1.75 14.76 -11.47
C LYS A 243 -1.88 14.65 -9.96
N GLU A 244 -2.44 15.69 -9.35
CA GLU A 244 -2.84 15.66 -7.95
C GLU A 244 -4.02 14.72 -7.77
N LEU A 245 -4.02 14.05 -6.64
CA LEU A 245 -5.08 13.10 -6.34
CA LEU A 245 -5.05 13.06 -6.32
C LEU A 245 -5.82 13.50 -5.08
N TYR A 246 -7.09 13.81 -5.25
CA TYR A 246 -7.99 14.09 -4.11
C TYR A 246 -9.04 13.01 -4.09
N PHE A 247 -9.34 12.51 -2.91
CA PHE A 247 -10.39 11.47 -2.78
C PHE A 247 -11.79 12.01 -2.91
N TYR A 248 -11.95 13.29 -2.71
CA TYR A 248 -13.23 13.97 -2.89
C TYR A 248 -13.31 14.68 -4.23
N HIS A 249 -14.52 15.05 -4.63
CA HIS A 249 -14.73 15.88 -5.81
C HIS A 249 -15.78 16.95 -5.52
N GLN A 250 -15.90 17.98 -6.37
CA GLN A 250 -16.92 18.99 -6.09
C GLN A 250 -18.29 18.61 -6.63
C ACE B 1 2.50 -6.01 22.02
O ACE B 1 3.19 -6.00 23.03
CH3 ACE B 1 1.15 -5.33 22.01
N 1MH B 2 2.82 -6.83 21.01
CA 1MH B 2 4.30 -6.78 20.96
C 1MH B 2 4.72 -6.40 19.59
O 1MH B 2 4.06 -6.76 18.62
CB 1MH B 2 4.93 -8.16 21.19
C6 1MH B 2 4.53 -8.75 22.52
C7 1MH B 2 5.44 -8.81 23.57
N8 1MH B 2 5.08 -9.33 24.76
C9 1MH B 2 3.85 -9.84 24.96
C10 1MH B 2 2.91 -9.81 23.95
C11 1MH B 2 3.24 -9.27 22.72
N ASP B 3 5.82 -5.66 19.48
CA ASP B 3 6.50 -5.60 18.21
C ASP B 3 7.11 -7.01 18.24
O B3L B 4 7.87 -6.10 13.89
C B3L B 4 7.89 -7.32 13.72
CB B3L B 4 7.39 -8.20 14.86
CA B3L B 4 8.01 -7.55 16.08
N B3L B 4 7.09 -7.79 17.14
CG B3L B 4 9.46 -8.05 16.19
CD B3L B 4 10.24 -7.97 17.54
CE2 B3L B 4 11.70 -8.37 17.32
CE1 B3L B 4 10.29 -6.59 18.19
N HLX B 5 8.30 -8.13 12.78
CA HLX B 5 8.77 -7.43 11.60
C HLX B 5 8.45 -8.30 10.41
O HLX B 5 8.26 -9.52 10.50
CB HLX B 5 10.27 -7.08 11.67
CG HLX B 5 11.05 -8.36 11.99
C7 HLX B 5 12.54 -8.13 11.81
C8 HLX B 5 13.36 -9.30 12.34
C9 HLX B 5 12.93 -6.82 12.47
N 1U8 B 6 8.34 -7.65 9.24
CA 1U8 B 6 7.91 -8.32 8.00
C 1U8 B 6 9.05 -8.58 7.03
O 1U8 B 6 8.81 -8.73 5.82
CB 1U8 B 6 6.85 -7.41 7.34
CG 1U8 B 6 5.56 -7.57 8.10
OD1 1U8 B 6 4.68 -6.68 8.11
OD2 1U8 B 6 5.32 -8.62 8.71
C9 1U8 B 6 10.43 -8.70 7.58
#